data_1VDF
#
_entry.id   1VDF
#
_cell.length_a   38.470
_cell.length_b   49.470
_cell.length_c   54.980
_cell.angle_alpha   90.00
_cell.angle_beta   103.84
_cell.angle_gamma   90.00
#
_symmetry.space_group_name_H-M   'P 1 21 1'
#
loop_
_entity.id
_entity.type
_entity.pdbx_description
1 polymer 'CARTILAGE OLIGOMERIC MATRIX PROTEIN'
2 non-polymer 'CHLORIDE ION'
3 water water
#
_entity_poly.entity_id   1
_entity_poly.type   'polypeptide(L)'
_entity_poly.pdbx_seq_one_letter_code
;MDLAPQMLRELQETNAALQDVRELLRQQVKEITFLKNTVMECDACG
;
_entity_poly.pdbx_strand_id   A,B,C,D,E
#
# COMPACT_ATOMS: atom_id res chain seq x y z
N MET A 1 -25.29 -25.68 6.50
CA MET A 1 -24.23 -25.86 5.52
C MET A 1 -22.87 -25.85 6.19
N ASP A 2 -21.94 -26.61 5.64
CA ASP A 2 -20.58 -26.67 6.14
C ASP A 2 -19.84 -25.52 5.46
N LEU A 3 -19.31 -24.61 6.25
CA LEU A 3 -18.66 -23.42 5.75
C LEU A 3 -17.20 -23.52 5.27
N ALA A 4 -16.53 -24.65 5.48
CA ALA A 4 -15.11 -24.79 5.08
C ALA A 4 -14.81 -24.33 3.66
N PRO A 5 -15.57 -24.84 2.71
CA PRO A 5 -15.35 -24.50 1.31
C PRO A 5 -15.49 -23.02 0.96
N GLN A 6 -16.48 -22.33 1.56
CA GLN A 6 -16.66 -20.88 1.41
C GLN A 6 -15.45 -20.11 1.95
N MET A 7 -14.90 -20.58 3.08
CA MET A 7 -13.73 -19.92 3.67
C MET A 7 -12.56 -20.02 2.74
N LEU A 8 -12.39 -21.21 2.15
CA LEU A 8 -11.30 -21.46 1.24
C LEU A 8 -11.42 -20.53 0.06
N ARG A 9 -12.65 -20.33 -0.41
CA ARG A 9 -12.89 -19.43 -1.53
C ARG A 9 -12.47 -17.96 -1.20
N GLU A 10 -12.75 -17.50 0.02
CA GLU A 10 -12.39 -16.15 0.43
C GLU A 10 -10.87 -16.00 0.49
N LEU A 11 -10.21 -17.03 0.97
CA LEU A 11 -8.78 -16.96 1.04
C LEU A 11 -8.16 -16.84 -0.34
N GLN A 12 -8.72 -17.55 -1.30
CA GLN A 12 -8.18 -17.52 -2.67
C GLN A 12 -8.47 -16.15 -3.28
N GLU A 13 -9.60 -15.55 -2.88
CA GLU A 13 -9.92 -14.22 -3.36
C GLU A 13 -8.96 -13.19 -2.69
N THR A 14 -8.55 -13.48 -1.47
CA THR A 14 -7.62 -12.60 -0.79
C THR A 14 -6.30 -12.60 -1.56
N ASN A 15 -5.87 -13.80 -1.95
CA ASN A 15 -4.63 -14.00 -2.66
C ASN A 15 -4.63 -13.33 -4.02
N ALA A 16 -5.74 -13.45 -4.72
CA ALA A 16 -5.84 -12.85 -6.02
C ALA A 16 -5.71 -11.33 -5.89
N ALA A 17 -6.40 -10.79 -4.90
CA ALA A 17 -6.40 -9.35 -4.64
C ALA A 17 -5.02 -8.85 -4.26
N LEU A 18 -4.29 -9.68 -3.52
CA LEU A 18 -2.96 -9.30 -3.11
C LEU A 18 -1.97 -9.43 -4.23
N GLN A 19 -2.24 -10.32 -5.19
CA GLN A 19 -1.34 -10.44 -6.28
C GLN A 19 -1.49 -9.18 -7.15
N ASP A 20 -2.69 -8.59 -7.14
CA ASP A 20 -2.91 -7.36 -7.92
C ASP A 20 -2.23 -6.20 -7.23
N VAL A 21 -2.31 -6.21 -5.90
CA VAL A 21 -1.71 -5.16 -5.13
C VAL A 21 -0.20 -5.10 -5.36
N ARG A 22 0.45 -6.27 -5.40
CA ARG A 22 1.89 -6.36 -5.61
C ARG A 22 2.32 -5.80 -6.97
N GLU A 23 1.53 -6.06 -7.98
CA GLU A 23 1.86 -5.57 -9.31
C GLU A 23 1.68 -4.07 -9.42
N LEU A 24 0.76 -3.51 -8.64
CA LEU A 24 0.45 -2.08 -8.65
C LEU A 24 1.61 -1.38 -7.94
N LEU A 25 1.98 -1.93 -6.79
CA LEU A 25 3.06 -1.39 -6.00
C LEU A 25 4.33 -1.43 -6.82
N ARG A 26 4.50 -2.53 -7.53
CA ARG A 26 5.67 -2.71 -8.36
C ARG A 26 5.79 -1.63 -9.43
N GLN A 27 4.68 -1.33 -10.08
CA GLN A 27 4.67 -0.32 -11.10
C GLN A 27 4.84 1.03 -10.43
N GLN A 28 4.23 1.18 -9.25
CA GLN A 28 4.29 2.44 -8.51
C GLN A 28 5.71 2.86 -8.15
N VAL A 29 6.48 1.89 -7.66
CA VAL A 29 7.86 2.17 -7.30
C VAL A 29 8.64 2.67 -8.54
N LYS A 30 8.40 2.02 -9.67
CA LYS A 30 9.06 2.38 -10.92
C LYS A 30 8.72 3.78 -11.35
N GLU A 31 7.47 4.21 -11.18
CA GLU A 31 7.11 5.58 -11.55
C GLU A 31 7.75 6.66 -10.64
N ILE A 32 7.81 6.38 -9.32
CA ILE A 32 8.39 7.31 -8.33
C ILE A 32 9.90 7.38 -8.45
N THR A 33 10.55 6.28 -8.84
CA THR A 33 11.96 6.33 -9.05
C THR A 33 12.22 7.19 -10.27
N PHE A 34 11.40 6.99 -11.29
CA PHE A 34 11.53 7.79 -12.50
C PHE A 34 11.33 9.27 -12.14
N LEU A 35 10.27 9.56 -11.38
CA LEU A 35 9.99 10.94 -11.01
C LEU A 35 11.16 11.57 -10.25
N LYS A 36 11.81 10.77 -9.40
CA LYS A 36 12.90 11.27 -8.62
C LYS A 36 14.04 11.63 -9.53
N ASN A 37 14.41 10.69 -10.35
CA ASN A 37 15.50 10.93 -11.25
C ASN A 37 15.23 12.16 -12.10
N THR A 38 13.99 12.33 -12.47
CA THR A 38 13.57 13.48 -13.27
C THR A 38 13.82 14.78 -12.52
N VAL A 39 13.41 14.80 -11.25
CA VAL A 39 13.58 15.99 -10.43
C VAL A 39 15.05 16.31 -10.16
N MET A 40 15.87 15.27 -10.12
CA MET A 40 17.28 15.45 -9.90
C MET A 40 17.95 16.19 -11.03
N GLU A 41 17.35 16.05 -12.20
CA GLU A 41 17.78 16.70 -13.44
C GLU A 41 16.93 17.92 -13.79
N CYS A 42 16.20 18.45 -12.81
CA CYS A 42 15.43 19.65 -13.04
C CYS A 42 16.34 20.88 -12.94
N ASP A 43 16.71 21.40 -14.11
CA ASP A 43 17.62 22.53 -14.18
C ASP A 43 17.35 23.70 -13.25
N ALA A 44 16.09 23.98 -12.96
CA ALA A 44 15.77 25.08 -12.04
C ALA A 44 16.08 24.69 -10.61
N CYS A 45 16.43 23.41 -10.43
CA CYS A 45 16.71 22.89 -9.10
C CYS A 45 18.17 22.80 -8.64
N GLY A 46 18.32 21.86 -7.72
CA GLY A 46 19.57 21.51 -7.05
C GLY A 46 19.22 20.70 -5.80
N MET B 1 -9.72 -35.40 4.62
CA MET B 1 -10.60 -35.40 5.77
C MET B 1 -11.12 -33.98 6.10
N ASP B 2 -10.41 -32.98 5.57
CA ASP B 2 -10.72 -31.55 5.76
C ASP B 2 -10.15 -30.79 4.54
N LEU B 3 -10.17 -29.45 4.60
CA LEU B 3 -9.61 -28.58 3.57
C LEU B 3 -8.39 -27.82 4.10
N ALA B 4 -7.88 -28.25 5.24
CA ALA B 4 -6.75 -27.60 5.90
C ALA B 4 -5.48 -27.47 5.03
N PRO B 5 -5.04 -28.56 4.47
CA PRO B 5 -3.84 -28.49 3.68
C PRO B 5 -4.01 -27.37 2.63
N GLN B 6 -5.19 -27.27 2.01
CA GLN B 6 -5.45 -26.23 1.00
C GLN B 6 -5.51 -24.87 1.64
N MET B 7 -6.06 -24.82 2.87
CA MET B 7 -6.14 -23.56 3.59
C MET B 7 -4.77 -23.05 3.99
N LEU B 8 -3.92 -23.94 4.49
CA LEU B 8 -2.54 -23.67 4.86
C LEU B 8 -1.79 -23.09 3.65
N ARG B 9 -1.97 -23.73 2.48
CA ARG B 9 -1.34 -23.29 1.25
C ARG B 9 -1.70 -21.82 0.91
N GLU B 10 -2.98 -21.49 0.99
CA GLU B 10 -3.42 -20.13 0.73
C GLU B 10 -2.80 -19.18 1.73
N LEU B 11 -2.83 -19.56 3.01
CA LEU B 11 -2.25 -18.71 4.06
C LEU B 11 -0.76 -18.48 3.81
N GLN B 12 -0.06 -19.54 3.45
CA GLN B 12 1.36 -19.41 3.16
C GLN B 12 1.58 -18.46 2.01
N GLU B 13 0.74 -18.55 0.99
CA GLU B 13 0.89 -17.65 -0.15
C GLU B 13 0.55 -16.19 0.18
N THR B 14 -0.35 -15.99 1.14
CA THR B 14 -0.71 -14.63 1.53
C THR B 14 0.54 -13.98 2.16
N ASN B 15 1.20 -14.75 3.01
CA ASN B 15 2.39 -14.32 3.70
C ASN B 15 3.50 -14.01 2.73
N ALA B 16 3.79 -14.94 1.83
CA ALA B 16 4.81 -14.68 0.83
C ALA B 16 4.53 -13.35 0.14
N ALA B 17 3.26 -13.11 -0.16
CA ALA B 17 2.88 -11.92 -0.85
C ALA B 17 3.08 -10.68 -0.02
N LEU B 18 2.71 -10.77 1.25
CA LEU B 18 2.86 -9.62 2.13
C LEU B 18 4.33 -9.27 2.26
N GLN B 19 5.16 -10.32 2.25
CA GLN B 19 6.58 -10.07 2.35
C GLN B 19 7.05 -9.16 1.23
N ASP B 20 6.57 -9.42 0.02
CA ASP B 20 6.96 -8.60 -1.12
C ASP B 20 6.47 -7.18 -1.00
N VAL B 21 5.21 -7.03 -0.62
CA VAL B 21 4.58 -5.72 -0.44
C VAL B 21 5.34 -4.87 0.60
N ARG B 22 5.80 -5.46 1.72
CA ARG B 22 6.49 -4.66 2.71
C ARG B 22 7.88 -4.30 2.17
N GLU B 23 8.45 -5.23 1.42
CA GLU B 23 9.75 -4.98 0.81
C GLU B 23 9.62 -3.83 -0.20
N LEU B 24 8.53 -3.88 -0.97
CA LEU B 24 8.28 -2.87 -1.98
C LEU B 24 8.03 -1.53 -1.35
N LEU B 25 7.25 -1.52 -0.27
CA LEU B 25 6.94 -0.30 0.44
C LEU B 25 8.20 0.26 1.09
N ARG B 26 9.10 -0.61 1.51
CA ARG B 26 10.34 -0.10 2.11
C ARG B 26 11.17 0.66 1.08
N GLN B 27 11.23 0.10 -0.11
CA GLN B 27 11.97 0.72 -1.22
C GLN B 27 11.33 2.01 -1.65
N GLN B 28 10.01 2.06 -1.54
CA GLN B 28 9.28 3.24 -1.98
C GLN B 28 9.47 4.40 -1.01
N VAL B 29 9.44 4.10 0.27
CA VAL B 29 9.63 5.15 1.27
C VAL B 29 10.97 5.79 1.04
N LYS B 30 11.94 4.97 0.69
CA LYS B 30 13.28 5.45 0.46
C LYS B 30 13.33 6.40 -0.72
N GLU B 31 12.64 6.06 -1.79
CA GLU B 31 12.68 6.92 -2.96
C GLU B 31 12.02 8.26 -2.62
N ILE B 32 10.85 8.18 -2.00
CA ILE B 32 10.07 9.35 -1.61
C ILE B 32 10.88 10.25 -0.68
N THR B 33 11.49 9.68 0.35
CA THR B 33 12.25 10.51 1.26
C THR B 33 13.34 11.26 0.49
N PHE B 34 14.04 10.55 -0.39
CA PHE B 34 15.08 11.17 -1.22
C PHE B 34 14.47 12.28 -2.07
N LEU B 35 13.32 11.99 -2.67
CA LEU B 35 12.68 13.01 -3.47
C LEU B 35 12.43 14.24 -2.56
N LYS B 36 11.88 13.99 -1.36
CA LYS B 36 11.61 15.05 -0.38
C LYS B 36 12.79 16.01 -0.18
N ASN B 37 13.98 15.48 0.12
CA ASN B 37 15.17 16.31 0.33
C ASN B 37 15.60 17.07 -0.92
N THR B 38 15.63 16.36 -2.05
CA THR B 38 16.02 16.92 -3.33
C THR B 38 15.17 18.13 -3.61
N VAL B 39 13.89 17.98 -3.34
CA VAL B 39 13.00 19.09 -3.57
C VAL B 39 13.33 20.17 -2.54
N MET B 40 13.71 19.73 -1.33
CA MET B 40 14.09 20.64 -0.25
C MET B 40 15.29 21.53 -0.59
N GLU B 41 16.12 21.05 -1.51
CA GLU B 41 17.30 21.80 -1.92
C GLU B 41 17.17 22.34 -3.36
N CYS B 42 15.94 22.45 -3.85
CA CYS B 42 15.71 22.96 -5.17
C CYS B 42 15.85 24.49 -5.15
N ASP B 43 16.92 25.00 -5.79
CA ASP B 43 17.18 26.43 -5.82
C ASP B 43 15.94 27.26 -6.13
N ALA B 44 15.22 26.87 -7.19
CA ALA B 44 14.03 27.58 -7.67
C ALA B 44 12.91 27.82 -6.67
N CYS B 45 13.01 27.25 -5.48
CA CYS B 45 11.93 27.43 -4.53
C CYS B 45 12.02 28.61 -3.59
N GLY B 46 13.20 29.20 -3.50
CA GLY B 46 13.38 30.37 -2.66
C GLY B 46 14.37 30.12 -1.53
N MET C 1 -6.82 -29.93 10.47
CA MET C 1 -6.98 -30.76 11.66
C MET C 1 -5.75 -30.70 12.54
N ASP C 2 -4.73 -31.42 12.12
CA ASP C 2 -3.47 -31.48 12.82
C ASP C 2 -2.63 -30.34 12.33
N LEU C 3 -3.18 -29.56 11.40
CA LEU C 3 -2.48 -28.45 10.78
C LEU C 3 -2.83 -27.12 11.43
N ALA C 4 -3.69 -27.17 12.42
CA ALA C 4 -4.10 -25.96 13.08
C ALA C 4 -2.94 -25.14 13.67
N PRO C 5 -2.07 -25.79 14.43
CA PRO C 5 -0.94 -25.07 15.04
C PRO C 5 -0.20 -24.25 13.99
N GLN C 6 0.12 -24.87 12.89
CA GLN C 6 0.81 -24.17 11.83
C GLN C 6 -0.06 -23.08 11.16
N MET C 7 -1.38 -23.28 11.12
CA MET C 7 -2.24 -22.28 10.51
C MET C 7 -2.23 -21.03 11.37
N LEU C 8 -2.20 -21.23 12.68
CA LEU C 8 -2.19 -20.09 13.57
C LEU C 8 -0.87 -19.33 13.39
N ARG C 9 0.21 -20.10 13.22
CA ARG C 9 1.52 -19.51 13.04
C ARG C 9 1.58 -18.63 11.76
N GLU C 10 0.88 -19.06 10.71
CA GLU C 10 0.81 -18.30 9.49
C GLU C 10 -0.05 -17.05 9.76
N LEU C 11 -1.15 -17.21 10.50
CA LEU C 11 -2.01 -16.06 10.77
C LEU C 11 -1.30 -15.01 11.58
N GLN C 12 -0.41 -15.44 12.48
CA GLN C 12 0.33 -14.52 13.32
C GLN C 12 1.38 -13.76 12.52
N GLU C 13 2.04 -14.46 11.59
CA GLU C 13 3.04 -13.83 10.73
C GLU C 13 2.36 -12.76 9.88
N THR C 14 1.15 -13.08 9.38
CA THR C 14 0.39 -12.11 8.58
C THR C 14 0.15 -10.81 9.35
N ASN C 15 -0.19 -10.95 10.62
CA ASN C 15 -0.44 -9.78 11.42
C ASN C 15 0.86 -9.04 11.67
N ALA C 16 1.95 -9.76 11.90
CA ALA C 16 3.20 -9.09 12.16
C ALA C 16 3.58 -8.33 10.89
N ALA C 17 3.43 -8.96 9.74
CA ALA C 17 3.76 -8.27 8.52
C ALA C 17 2.85 -7.05 8.31
N LEU C 18 1.58 -7.21 8.61
CA LEU C 18 0.64 -6.13 8.40
C LEU C 18 1.00 -4.94 9.24
N GLN C 19 1.49 -5.16 10.44
CA GLN C 19 1.83 -4.06 11.32
C GLN C 19 3.02 -3.29 10.77
N ASP C 20 3.93 -4.01 10.11
CA ASP C 20 5.10 -3.39 9.50
C ASP C 20 4.57 -2.47 8.41
N VAL C 21 3.71 -3.02 7.57
CA VAL C 21 3.12 -2.29 6.46
C VAL C 21 2.43 -0.97 6.89
N ARG C 22 1.73 -1.04 8.01
CA ARG C 22 0.98 0.07 8.58
C ARG C 22 1.96 1.11 9.07
N GLU C 23 3.02 0.62 9.69
CA GLU C 23 4.04 1.51 10.19
C GLU C 23 4.73 2.25 9.02
N LEU C 24 5.05 1.51 7.95
CA LEU C 24 5.68 2.11 6.78
C LEU C 24 4.74 3.07 6.09
N LEU C 25 3.47 2.73 6.00
CA LEU C 25 2.54 3.66 5.35
C LEU C 25 2.36 4.93 6.15
N ARG C 26 2.35 4.81 7.49
CA ARG C 26 2.16 6.01 8.26
C ARG C 26 3.32 7.00 8.10
N GLN C 27 4.54 6.47 8.08
CA GLN C 27 5.72 7.30 7.84
C GLN C 27 5.58 7.89 6.42
N GLN C 28 5.26 7.02 5.45
CA GLN C 28 5.06 7.45 4.07
C GLN C 28 4.14 8.67 3.92
N VAL C 29 2.99 8.60 4.57
CA VAL C 29 2.02 9.69 4.49
C VAL C 29 2.67 10.93 5.06
N LYS C 30 3.57 10.73 5.99
CA LYS C 30 4.27 11.85 6.60
C LYS C 30 5.23 12.55 5.62
N GLU C 31 5.95 11.75 4.85
CA GLU C 31 6.91 12.24 3.88
C GLU C 31 6.20 12.92 2.72
N ILE C 32 5.07 12.37 2.29
CA ILE C 32 4.37 12.97 1.17
C ILE C 32 3.75 14.30 1.57
N THR C 33 3.36 14.41 2.84
CA THR C 33 2.79 15.64 3.33
C THR C 33 3.90 16.71 3.36
N PHE C 34 5.08 16.36 3.83
CA PHE C 34 6.21 17.29 3.84
C PHE C 34 6.49 17.73 2.40
N LEU C 35 6.48 16.77 1.47
CA LEU C 35 6.69 17.09 0.07
C LEU C 35 5.65 18.09 -0.38
N LYS C 36 4.39 17.80 -0.08
CA LYS C 36 3.33 18.70 -0.47
C LYS C 36 3.57 20.12 0.05
N ASN C 37 3.80 20.23 1.36
CA ASN C 37 4.01 21.53 1.94
C ASN C 37 5.20 22.28 1.36
N THR C 38 6.13 21.56 0.73
CA THR C 38 7.31 22.19 0.17
C THR C 38 7.01 22.79 -1.20
N VAL C 39 6.16 22.12 -1.97
CA VAL C 39 5.71 22.58 -3.26
C VAL C 39 4.90 23.88 -3.08
N MET C 40 4.16 23.94 -2.00
CA MET C 40 3.35 25.10 -1.72
C MET C 40 4.13 26.37 -1.48
N GLU C 41 5.16 26.29 -0.65
CA GLU C 41 5.97 27.44 -0.39
C GLU C 41 7.14 27.52 -1.36
N CYS C 42 6.97 26.97 -2.55
CA CYS C 42 8.03 26.99 -3.54
C CYS C 42 7.90 28.18 -4.47
N ASP C 43 8.68 29.20 -4.15
CA ASP C 43 8.72 30.48 -4.85
C ASP C 43 8.36 30.48 -6.34
N ALA C 44 8.88 29.50 -7.09
CA ALA C 44 8.63 29.44 -8.53
C ALA C 44 7.35 28.73 -8.95
N CYS C 45 6.43 28.54 -8.02
CA CYS C 45 5.22 27.83 -8.38
C CYS C 45 3.91 28.55 -8.14
N GLY C 46 3.31 28.23 -6.99
CA GLY C 46 2.04 28.76 -6.53
C GLY C 46 1.72 28.22 -5.13
N MET D 1 -9.93 -27.26 16.61
CA MET D 1 -10.06 -27.83 17.95
C MET D 1 -9.14 -27.14 18.95
N ASP D 2 -9.75 -26.28 19.76
CA ASP D 2 -9.07 -25.57 20.82
C ASP D 2 -8.32 -24.28 20.53
N LEU D 3 -7.74 -24.15 19.34
CA LEU D 3 -7.06 -22.91 19.02
C LEU D 3 -7.88 -22.09 18.03
N ALA D 4 -9.08 -22.59 17.70
CA ALA D 4 -9.99 -21.91 16.81
C ALA D 4 -10.33 -20.50 17.30
N PRO D 5 -10.48 -20.32 18.63
CA PRO D 5 -10.76 -18.99 19.19
C PRO D 5 -9.51 -18.15 18.98
N GLN D 6 -8.35 -18.80 18.93
CA GLN D 6 -7.12 -18.06 18.72
C GLN D 6 -7.01 -17.62 17.27
N MET D 7 -7.52 -18.42 16.40
CA MET D 7 -7.47 -18.10 14.99
C MET D 7 -8.41 -16.96 14.69
N LEU D 8 -9.61 -17.02 15.27
CA LEU D 8 -10.58 -15.97 15.08
C LEU D 8 -10.05 -14.61 15.59
N ARG D 9 -9.32 -14.62 16.68
CA ARG D 9 -8.78 -13.40 17.21
C ARG D 9 -7.76 -12.82 16.23
N GLU D 10 -6.97 -13.69 15.62
CA GLU D 10 -5.94 -13.22 14.69
C GLU D 10 -6.67 -12.68 13.47
N LEU D 11 -7.79 -13.29 13.10
CA LEU D 11 -8.53 -12.78 11.93
C LEU D 11 -9.05 -11.37 12.21
N GLN D 12 -9.62 -11.13 13.40
CA GLN D 12 -10.13 -9.80 13.77
C GLN D 12 -9.03 -8.72 13.75
N GLU D 13 -7.83 -9.11 14.18
CA GLU D 13 -6.67 -8.21 14.18
C GLU D 13 -6.27 -7.83 12.72
N THR D 14 -6.20 -8.80 11.83
CA THR D 14 -5.86 -8.53 10.44
C THR D 14 -6.91 -7.56 9.87
N ASN D 15 -8.19 -7.82 10.16
CA ASN D 15 -9.31 -6.99 9.74
C ASN D 15 -9.09 -5.54 10.26
N ALA D 16 -8.74 -5.39 11.53
CA ALA D 16 -8.54 -4.05 12.03
C ALA D 16 -7.37 -3.37 11.33
N ALA D 17 -6.31 -4.14 11.09
CA ALA D 17 -5.13 -3.59 10.45
C ALA D 17 -5.42 -3.14 9.05
N LEU D 18 -6.25 -3.88 8.33
CA LEU D 18 -6.63 -3.50 6.98
C LEU D 18 -7.45 -2.23 6.96
N GLN D 19 -8.26 -2.01 7.98
CA GLN D 19 -9.10 -0.79 8.10
C GLN D 19 -8.17 0.45 8.14
N ASP D 20 -7.08 0.31 8.89
CA ASP D 20 -6.08 1.36 9.05
C ASP D 20 -5.36 1.61 7.75
N VAL D 21 -4.88 0.54 7.16
CA VAL D 21 -4.16 0.65 5.90
C VAL D 21 -5.00 1.45 4.92
N ARG D 22 -6.30 1.11 4.92
CA ARG D 22 -7.28 1.72 4.04
C ARG D 22 -7.52 3.22 4.30
N GLU D 23 -7.58 3.65 5.56
CA GLU D 23 -7.74 5.08 5.86
C GLU D 23 -6.45 5.78 5.54
N LEU D 24 -5.34 5.07 5.70
CA LEU D 24 -4.05 5.66 5.42
C LEU D 24 -3.92 5.95 3.93
N LEU D 25 -4.28 4.96 3.10
CA LEU D 25 -4.23 5.13 1.64
C LEU D 25 -5.19 6.22 1.15
N ARG D 26 -6.44 6.25 1.67
CA ARG D 26 -7.39 7.30 1.27
C ARG D 26 -6.75 8.66 1.59
N GLN D 27 -6.01 8.74 2.71
CA GLN D 27 -5.36 10.00 3.06
C GLN D 27 -4.23 10.29 2.09
N GLN D 28 -3.52 9.25 1.70
CA GLN D 28 -2.40 9.40 0.80
C GLN D 28 -2.77 9.86 -0.59
N VAL D 29 -3.82 9.21 -1.13
CA VAL D 29 -4.37 9.49 -2.46
C VAL D 29 -4.83 10.93 -2.57
N LYS D 30 -5.41 11.44 -1.47
CA LYS D 30 -5.86 12.82 -1.45
C LYS D 30 -4.66 13.80 -1.45
N GLU D 31 -3.58 13.43 -0.76
CA GLU D 31 -2.41 14.30 -0.75
C GLU D 31 -1.70 14.26 -2.11
N ILE D 32 -1.64 13.07 -2.72
CA ILE D 32 -1.02 12.92 -4.02
C ILE D 32 -1.77 13.69 -5.08
N THR D 33 -3.10 13.67 -5.02
CA THR D 33 -3.92 14.44 -5.97
C THR D 33 -3.69 15.95 -5.77
N PHE D 34 -3.45 16.35 -4.53
CA PHE D 34 -3.16 17.74 -4.21
C PHE D 34 -1.82 18.07 -4.90
N LEU D 35 -0.79 17.29 -4.63
CA LEU D 35 0.50 17.53 -5.25
C LEU D 35 0.32 17.73 -6.76
N LYS D 36 -0.31 16.75 -7.40
CA LYS D 36 -0.53 16.78 -8.83
C LYS D 36 -1.06 18.14 -9.30
N ASN D 37 -2.25 18.49 -8.82
CA ASN D 37 -2.88 19.75 -9.20
C ASN D 37 -1.91 20.95 -9.10
N THR D 38 -1.22 21.02 -7.97
CA THR D 38 -0.27 22.08 -7.67
C THR D 38 0.89 22.18 -8.66
N VAL D 39 1.47 21.05 -9.08
CA VAL D 39 2.58 21.12 -10.04
C VAL D 39 1.98 21.45 -11.39
N MET D 40 0.76 20.99 -11.57
CA MET D 40 -0.01 21.23 -12.76
C MET D 40 -0.21 22.73 -12.97
N GLU D 41 -0.33 23.46 -11.86
CA GLU D 41 -0.57 24.88 -11.88
C GLU D 41 0.66 25.69 -11.47
N CYS D 42 1.84 25.11 -11.73
CA CYS D 42 3.08 25.79 -11.36
C CYS D 42 3.54 26.66 -12.50
N ASP D 43 3.62 27.96 -12.23
CA ASP D 43 4.02 28.97 -13.22
C ASP D 43 5.28 28.57 -13.98
N ALA D 44 6.35 28.33 -13.24
CA ALA D 44 7.62 27.98 -13.83
C ALA D 44 7.54 26.91 -14.89
N CYS D 45 6.53 26.04 -14.81
CA CYS D 45 6.37 24.94 -15.77
C CYS D 45 5.97 25.28 -17.19
N GLY D 46 5.43 26.48 -17.36
CA GLY D 46 5.06 26.95 -18.69
C GLY D 46 3.59 26.77 -19.05
N MET E 1 -20.74 -25.55 17.75
CA MET E 1 -19.38 -25.75 18.21
C MET E 1 -18.35 -24.82 17.56
N ASP E 2 -17.89 -25.17 16.36
CA ASP E 2 -16.90 -24.34 15.68
C ASP E 2 -17.32 -22.89 15.51
N LEU E 3 -16.32 -22.07 15.15
CA LEU E 3 -16.49 -20.64 14.94
C LEU E 3 -16.39 -20.30 13.44
N ALA E 4 -16.73 -21.26 12.59
CA ALA E 4 -16.70 -21.08 11.14
C ALA E 4 -17.44 -19.84 10.67
N PRO E 5 -18.67 -19.67 11.14
CA PRO E 5 -19.47 -18.52 10.79
C PRO E 5 -18.77 -17.23 11.16
N GLN E 6 -18.17 -17.17 12.33
CA GLN E 6 -17.50 -15.92 12.71
C GLN E 6 -16.25 -15.69 11.91
N MET E 7 -15.49 -16.76 11.64
CA MET E 7 -14.22 -16.61 10.94
C MET E 7 -14.47 -16.22 9.50
N LEU E 8 -15.56 -16.73 8.94
CA LEU E 8 -15.93 -16.45 7.55
C LEU E 8 -16.28 -14.98 7.45
N ARG E 9 -17.08 -14.50 8.38
CA ARG E 9 -17.45 -13.09 8.41
C ARG E 9 -16.19 -12.19 8.37
N GLU E 10 -15.22 -12.47 9.24
CA GLU E 10 -13.98 -11.70 9.28
C GLU E 10 -13.31 -11.78 7.91
N LEU E 11 -13.33 -12.97 7.33
CA LEU E 11 -12.71 -13.16 6.03
C LEU E 11 -13.41 -12.31 4.96
N GLN E 12 -14.73 -12.28 4.98
CA GLN E 12 -15.47 -11.51 4.00
C GLN E 12 -15.14 -10.04 4.20
N GLU E 13 -15.08 -9.60 5.45
CA GLU E 13 -14.74 -8.23 5.74
C GLU E 13 -13.32 -7.89 5.25
N THR E 14 -12.40 -8.81 5.44
CA THR E 14 -11.05 -8.56 4.98
C THR E 14 -11.05 -8.32 3.48
N ASN E 15 -11.73 -9.19 2.76
CA ASN E 15 -11.78 -9.07 1.32
C ASN E 15 -12.36 -7.78 0.79
N ALA E 16 -13.41 -7.29 1.46
CA ALA E 16 -14.04 -6.07 1.07
C ALA E 16 -13.06 -4.95 1.21
N ALA E 17 -12.32 -4.96 2.31
CA ALA E 17 -11.32 -3.92 2.54
C ALA E 17 -10.26 -3.97 1.42
N LEU E 18 -9.73 -5.16 1.18
CA LEU E 18 -8.71 -5.38 0.16
C LEU E 18 -9.14 -4.90 -1.21
N GLN E 19 -10.43 -5.02 -1.51
CA GLN E 19 -10.92 -4.58 -2.79
C GLN E 19 -10.88 -3.06 -2.86
N ASP E 20 -11.11 -2.43 -1.74
CA ASP E 20 -11.02 -0.98 -1.74
C ASP E 20 -9.52 -0.60 -1.86
N VAL E 21 -8.66 -1.33 -1.14
CA VAL E 21 -7.23 -1.04 -1.22
C VAL E 21 -6.70 -1.15 -2.62
N ARG E 22 -7.05 -2.22 -3.30
CA ARG E 22 -6.60 -2.37 -4.66
C ARG E 22 -7.11 -1.19 -5.54
N GLU E 23 -8.34 -0.74 -5.34
CA GLU E 23 -8.86 0.38 -6.13
C GLU E 23 -8.17 1.71 -5.83
N LEU E 24 -7.82 1.92 -4.56
CA LEU E 24 -7.12 3.11 -4.12
C LEU E 24 -5.70 3.16 -4.73
N LEU E 25 -4.99 2.02 -4.74
CA LEU E 25 -3.65 1.94 -5.32
C LEU E 25 -3.67 2.18 -6.82
N ARG E 26 -4.72 1.68 -7.47
CA ARG E 26 -4.88 1.82 -8.92
C ARG E 26 -5.00 3.31 -9.21
N GLN E 27 -5.79 4.00 -8.43
CA GLN E 27 -5.95 5.41 -8.65
C GLN E 27 -4.68 6.17 -8.34
N GLN E 28 -4.00 5.75 -7.28
CA GLN E 28 -2.78 6.39 -6.88
C GLN E 28 -1.72 6.33 -7.99
N VAL E 29 -1.52 5.15 -8.56
CA VAL E 29 -0.54 5.04 -9.61
C VAL E 29 -0.90 5.94 -10.78
N LYS E 30 -2.19 6.07 -11.08
CA LYS E 30 -2.60 6.95 -12.17
C LYS E 30 -2.16 8.39 -11.91
N GLU E 31 -2.43 8.89 -10.70
CA GLU E 31 -2.08 10.25 -10.32
C GLU E 31 -0.58 10.44 -10.34
N ILE E 32 0.14 9.43 -9.86
CA ILE E 32 1.58 9.51 -9.85
C ILE E 32 2.11 9.60 -11.25
N THR E 33 1.48 8.87 -12.15
CA THR E 33 1.87 8.87 -13.55
C THR E 33 1.58 10.18 -14.22
N PHE E 34 0.51 10.84 -13.77
CA PHE E 34 0.14 12.14 -14.30
C PHE E 34 1.14 13.19 -13.79
N LEU E 35 1.53 13.05 -12.53
CA LEU E 35 2.49 13.96 -11.91
C LEU E 35 3.85 13.85 -12.65
N LYS E 36 4.26 12.60 -12.91
CA LYS E 36 5.51 12.33 -13.60
C LYS E 36 5.59 13.05 -14.94
N ASN E 37 4.54 12.89 -15.72
CA ASN E 37 4.45 13.45 -17.07
C ASN E 37 4.50 14.97 -17.06
N THR E 38 3.85 15.53 -16.07
CA THR E 38 3.80 16.97 -15.90
C THR E 38 5.22 17.48 -15.68
N VAL E 39 5.90 16.90 -14.69
CA VAL E 39 7.26 17.30 -14.40
C VAL E 39 8.14 17.18 -15.65
N MET E 40 8.02 16.07 -16.36
CA MET E 40 8.84 15.89 -17.58
C MET E 40 8.60 17.01 -18.58
N GLU E 41 7.42 17.62 -18.53
CA GLU E 41 7.10 18.66 -19.46
C GLU E 41 7.28 20.01 -18.85
N CYS E 42 7.82 20.04 -17.64
CA CYS E 42 7.99 21.31 -16.94
C CYS E 42 9.14 22.17 -17.49
N ASP E 43 8.78 23.24 -18.21
CA ASP E 43 9.72 24.13 -18.86
C ASP E 43 10.97 24.51 -18.08
N ALA E 44 10.80 24.82 -16.80
CA ALA E 44 11.95 25.20 -15.97
C ALA E 44 12.94 24.07 -15.71
N CYS E 45 12.61 22.85 -16.14
CA CYS E 45 13.51 21.72 -15.89
C CYS E 45 14.48 21.36 -16.98
N GLY E 46 14.30 21.92 -18.16
CA GLY E 46 15.17 21.61 -19.27
C GLY E 46 14.56 21.90 -20.63
#